data_4I85
#
_entry.id   4I85
#
_cell.length_a   42.260
_cell.length_b   84.860
_cell.length_c   63.950
_cell.angle_alpha   90.00
_cell.angle_beta   90.00
_cell.angle_gamma   90.00
#
_symmetry.space_group_name_H-M   'P 21 21 2'
#
loop_
_entity.id
_entity.type
_entity.pdbx_description
1 polymer Transthyretin
2 non-polymer "1-(3',4'-dichloro-2-fluorobiphenyl-4-yl)cyclopropanecarboxylic acid"
3 water water
#
_entity_poly.entity_id   1
_entity_poly.type   'polypeptide(L)'
_entity_poly.pdbx_seq_one_letter_code
;GPTGTGESKCPLMVKVLDAVRGSPAINVAVHVFRKAADDTWEPFASGKTSESGELHGLTTEEEFVEGIYKVEIDTKSYWK
ALGISPFHEHAEVVFTANDSGPRRYTIAALLSPYSYSTTAVVTNPKE
;
_entity_poly.pdbx_strand_id   A,B
#
loop_
_chem_comp.id
_chem_comp.type
_chem_comp.name
_chem_comp.formula
H50 non-polymer '1-(3',4'-dichloro-2-fluorobiphenyl-4-yl)cyclopropanecarboxylic acid' 'C16 H11 Cl2 F O2'
#
# COMPACT_ATOMS: atom_id res chain seq x y z
N CYS A 10 16.28 17.79 2.17
CA CYS A 10 15.60 16.55 1.68
C CYS A 10 14.43 16.23 2.58
N PRO A 11 13.25 16.80 2.28
CA PRO A 11 12.18 16.47 3.20
C PRO A 11 11.43 15.18 2.88
N LEU A 12 11.78 14.46 1.80
CA LEU A 12 11.01 13.23 1.46
C LEU A 12 12.04 12.21 0.97
N MET A 13 12.24 11.12 1.71
CA MET A 13 13.23 10.11 1.33
C MET A 13 12.56 8.74 1.34
N VAL A 14 13.10 7.81 0.57
CA VAL A 14 12.53 6.49 0.47
C VAL A 14 13.66 5.49 0.56
N LYS A 15 13.52 4.53 1.48
CA LYS A 15 14.57 3.52 1.66
C LYS A 15 13.91 2.18 1.50
N VAL A 16 14.50 1.31 0.67
CA VAL A 16 13.82 0.04 0.38
C VAL A 16 14.81 -1.13 0.58
N LEU A 17 14.38 -2.18 1.32
CA LEU A 17 15.22 -3.39 1.56
C LEU A 17 14.57 -4.61 0.89
N ASP A 18 15.39 -5.57 0.51
CA ASP A 18 14.93 -6.84 -0.07
C ASP A 18 15.08 -7.95 0.99
N ALA A 19 13.94 -8.60 1.34
CA ALA A 19 13.88 -9.62 2.40
C ALA A 19 14.28 -11.01 1.90
N VAL A 20 14.48 -11.16 0.60
CA VAL A 20 14.87 -12.47 0.02
C VAL A 20 16.36 -12.53 -0.06
N ARG A 21 16.97 -11.46 -0.55
CA ARG A 21 18.42 -11.39 -0.74
C ARG A 21 19.17 -10.94 0.52
N GLY A 22 18.48 -10.28 1.45
CA GLY A 22 19.13 -9.56 2.57
C GLY A 22 20.02 -8.48 2.11
N SER A 23 19.46 -7.53 1.36
CA SER A 23 20.23 -6.51 0.66
C SER A 23 19.39 -5.28 0.55
N PRO A 24 20.04 -4.13 0.36
CA PRO A 24 19.20 -3.05 -0.13
C PRO A 24 18.50 -3.47 -1.45
N ALA A 25 17.35 -2.89 -1.71
CA ALA A 25 16.63 -3.12 -2.97
C ALA A 25 17.09 -1.99 -3.93
N ILE A 26 17.98 -2.34 -4.86
CA ILE A 26 18.58 -1.36 -5.76
C ILE A 26 17.74 -1.14 -7.03
N ASN A 27 17.74 0.10 -7.51
CA ASN A 27 17.09 0.42 -8.78
C ASN A 27 15.61 0.22 -8.76
N VAL A 28 15.01 0.54 -7.63
CA VAL A 28 13.55 0.40 -7.47
C VAL A 28 12.99 1.75 -7.92
N ALA A 29 12.09 1.74 -8.89
CA ALA A 29 11.42 2.99 -9.28
C ALA A 29 10.36 3.40 -8.26
N VAL A 30 10.27 4.71 -8.05
CA VAL A 30 9.32 5.30 -7.10
C VAL A 30 8.69 6.49 -7.77
N HIS A 31 7.37 6.52 -7.78
CA HIS A 31 6.68 7.73 -8.23
C HIS A 31 5.85 8.28 -7.12
N VAL A 32 5.91 9.60 -6.98
CA VAL A 32 5.13 10.29 -5.98
C VAL A 32 4.06 11.12 -6.69
N PHE A 33 2.86 11.11 -6.16
CA PHE A 33 1.72 11.87 -6.70
C PHE A 33 1.14 12.69 -5.60
N ARG A 34 0.43 13.77 -5.95
CA ARG A 34 -0.13 14.67 -4.91
C ARG A 34 -1.58 14.94 -5.32
N LYS A 35 -2.51 14.86 -4.40
CA LYS A 35 -3.93 14.98 -4.81
C LYS A 35 -4.22 16.45 -5.13
N ALA A 36 -4.80 16.70 -6.30
CA ALA A 36 -4.98 18.06 -6.82
C ALA A 36 -6.30 18.57 -6.36
N ALA A 37 -6.55 19.84 -6.72
CA ALA A 37 -7.83 20.56 -6.43
C ALA A 37 -9.08 19.80 -6.86
N ASP A 38 -8.93 19.09 -7.96
CA ASP A 38 -10.07 18.39 -8.58
C ASP A 38 -10.18 16.95 -8.07
N ASP A 39 -9.28 16.54 -7.16
CA ASP A 39 -9.28 15.18 -6.61
C ASP A 39 -8.64 14.08 -7.43
N THR A 40 -7.87 14.44 -8.45
CA THR A 40 -7.05 13.47 -9.19
C THR A 40 -5.65 13.41 -8.57
N TRP A 41 -4.91 12.37 -8.91
CA TRP A 41 -3.51 12.23 -8.52
C TRP A 41 -2.55 12.88 -9.51
N GLU A 42 -2.03 14.05 -9.17
CA GLU A 42 -1.11 14.80 -10.04
C GLU A 42 0.31 14.27 -9.81
N PRO A 43 1.02 13.91 -10.90
CA PRO A 43 2.44 13.58 -10.70
C PRO A 43 3.21 14.66 -10.00
N PHE A 44 4.03 14.25 -9.01
CA PHE A 44 4.77 15.16 -8.13
C PHE A 44 6.30 15.06 -8.21
N ALA A 45 6.82 13.82 -8.16
CA ALA A 45 8.25 13.59 -8.27
C ALA A 45 8.46 12.13 -8.53
N SER A 46 9.64 11.76 -9.07
CA SER A 46 9.91 10.34 -9.19
C SER A 46 11.40 10.12 -9.16
N GLY A 47 11.84 8.89 -8.97
CA GLY A 47 13.27 8.63 -8.99
C GLY A 47 13.48 7.13 -8.75
N LYS A 48 14.73 6.73 -8.54
CA LYS A 48 15.00 5.32 -8.29
C LYS A 48 16.04 5.14 -7.22
N THR A 49 15.87 4.01 -6.52
CA THR A 49 16.81 3.79 -5.43
C THR A 49 18.26 3.53 -5.94
N SER A 50 19.17 3.93 -5.10
CA SER A 50 20.59 3.81 -5.36
C SER A 50 21.11 2.41 -4.90
N GLU A 51 22.44 2.28 -4.91
CA GLU A 51 23.10 1.04 -4.45
C GLU A 51 22.84 0.75 -2.99
N SER A 52 22.53 1.79 -2.20
CA SER A 52 22.24 1.64 -0.78
C SER A 52 20.76 1.43 -0.51
N GLY A 53 19.99 1.38 -1.59
CA GLY A 53 18.52 1.20 -1.46
C GLY A 53 17.83 2.51 -1.10
N GLU A 54 18.55 3.62 -1.21
CA GLU A 54 17.94 4.92 -0.77
C GLU A 54 17.71 5.85 -2.00
N LEU A 55 16.66 6.68 -1.87
CA LEU A 55 16.20 7.61 -2.89
C LEU A 55 16.11 8.94 -2.22
N HIS A 56 17.05 9.78 -2.64
CA HIS A 56 17.16 11.15 -2.08
C HIS A 56 16.89 12.15 -3.22
N GLY A 57 16.59 13.38 -2.87
CA GLY A 57 16.48 14.39 -3.94
C GLY A 57 15.16 14.37 -4.72
N LEU A 58 14.13 13.74 -4.15
CA LEU A 58 12.80 13.71 -4.81
C LEU A 58 12.25 15.16 -4.95
N THR A 59 12.39 15.93 -3.87
CA THR A 59 11.75 17.24 -3.78
C THR A 59 12.51 18.23 -2.91
N THR A 60 11.93 19.40 -2.77
CA THR A 60 12.57 20.46 -1.97
C THR A 60 11.59 20.92 -0.92
N GLU A 61 12.08 21.62 0.08
CA GLU A 61 11.26 22.22 1.15
C GLU A 61 10.21 23.15 0.53
N GLU A 62 10.61 23.94 -0.51
CA GLU A 62 9.62 24.83 -1.15
C GLU A 62 8.54 24.08 -1.84
N GLU A 63 8.89 23.02 -2.59
CA GLU A 63 7.89 22.43 -3.42
C GLU A 63 7.03 21.45 -2.67
N PHE A 64 7.60 20.93 -1.58
CA PHE A 64 6.83 19.87 -0.83
C PHE A 64 5.85 20.57 0.19
N VAL A 65 4.73 21.00 -0.36
CA VAL A 65 3.76 21.80 0.45
C VAL A 65 2.84 20.89 1.12
N GLU A 66 1.95 21.42 1.95
CA GLU A 66 0.84 20.59 2.44
C GLU A 66 0.06 19.87 1.32
N GLY A 67 -0.37 18.65 1.62
CA GLY A 67 -1.21 17.97 0.72
C GLY A 67 -1.34 16.51 1.08
N ILE A 68 -2.12 15.80 0.27
CA ILE A 68 -2.23 14.30 0.42
C ILE A 68 -1.35 13.71 -0.69
N TYR A 69 -0.38 12.90 -0.27
CA TYR A 69 0.62 12.32 -1.23
C TYR A 69 0.48 10.83 -1.32
N LYS A 70 0.80 10.29 -2.47
CA LYS A 70 0.90 8.88 -2.68
C LYS A 70 2.27 8.54 -3.18
N VAL A 71 2.96 7.70 -2.44
CA VAL A 71 4.30 7.23 -2.85
C VAL A 71 4.09 5.83 -3.34
N GLU A 72 4.27 5.65 -4.65
CA GLU A 72 4.09 4.34 -5.30
C GLU A 72 5.51 3.78 -5.57
N ILE A 73 5.77 2.62 -4.94
CA ILE A 73 6.98 1.93 -5.09
C ILE A 73 6.75 0.81 -6.03
N ASP A 74 7.52 0.79 -7.10
CA ASP A 74 7.26 -0.13 -8.24
C ASP A 74 7.92 -1.52 -8.03
N THR A 75 7.30 -2.24 -7.07
CA THR A 75 7.78 -3.55 -6.64
C THR A 75 7.67 -4.58 -7.79
N LYS A 76 6.59 -4.52 -8.61
CA LYS A 76 6.45 -5.53 -9.71
C LYS A 76 7.64 -5.37 -10.69
N SER A 77 7.89 -4.14 -11.11
CA SER A 77 9.05 -3.88 -11.97
C SER A 77 10.40 -4.38 -11.42
N TYR A 78 10.63 -4.11 -10.11
CA TYR A 78 11.81 -4.51 -9.39
C TYR A 78 11.93 -6.04 -9.42
N TRP A 79 10.87 -6.78 -9.05
CA TRP A 79 10.94 -8.24 -9.01
C TRP A 79 11.08 -8.85 -10.42
N LYS A 80 10.29 -8.34 -11.38
CA LYS A 80 10.41 -8.86 -12.77
C LYS A 80 11.82 -8.72 -13.32
N ALA A 81 12.49 -7.59 -13.01
CA ALA A 81 13.87 -7.34 -13.43
C ALA A 81 14.83 -8.35 -12.87
N LEU A 82 14.50 -8.97 -11.73
CA LEU A 82 15.30 -9.98 -11.08
C LEU A 82 14.86 -11.39 -11.48
N GLY A 83 13.89 -11.42 -12.37
CA GLY A 83 13.42 -12.68 -12.94
C GLY A 83 12.36 -13.42 -12.16
N ILE A 84 11.63 -12.68 -11.31
CA ILE A 84 10.72 -13.28 -10.33
C ILE A 84 9.31 -12.72 -10.69
N SER A 85 8.25 -13.55 -10.59
CA SER A 85 6.85 -13.07 -10.83
C SER A 85 6.26 -12.82 -9.44
N PRO A 86 6.09 -11.55 -9.11
CA PRO A 86 5.56 -11.27 -7.78
C PRO A 86 4.05 -11.11 -7.78
N PHE A 87 3.51 -10.87 -6.60
CA PHE A 87 2.07 -10.75 -6.46
C PHE A 87 1.50 -9.34 -6.74
N HIS A 88 2.11 -8.31 -6.18
CA HIS A 88 1.52 -7.00 -6.19
C HIS A 88 2.01 -6.21 -7.41
N GLU A 89 1.19 -5.26 -7.77
CA GLU A 89 1.56 -4.35 -8.87
C GLU A 89 2.62 -3.37 -8.33
N HIS A 90 2.31 -2.85 -7.15
CA HIS A 90 3.15 -1.87 -6.50
C HIS A 90 2.85 -1.83 -5.02
N ALA A 91 3.66 -1.08 -4.28
CA ALA A 91 3.32 -0.81 -2.90
C ALA A 91 2.98 0.68 -2.82
N GLU A 92 1.90 1.05 -2.09
CA GLU A 92 1.38 2.42 -2.09
C GLU A 92 1.42 2.94 -0.66
N VAL A 93 1.84 4.17 -0.48
CA VAL A 93 1.89 4.72 0.85
C VAL A 93 1.17 6.05 0.68
N VAL A 94 -0.04 6.20 1.26
CA VAL A 94 -0.83 7.42 0.99
C VAL A 94 -0.98 8.16 2.34
N PHE A 95 -0.59 9.45 2.42
CA PHE A 95 -0.63 10.12 3.72
C PHE A 95 -0.77 11.63 3.53
N THR A 96 -1.34 12.28 4.52
CA THR A 96 -1.32 13.76 4.55
C THR A 96 0.04 14.21 5.02
N ALA A 97 0.64 15.22 4.35
CA ALA A 97 1.99 15.70 4.77
C ALA A 97 1.88 17.18 5.12
N ASN A 98 2.68 17.58 6.11
CA ASN A 98 2.99 19.01 6.39
C ASN A 98 1.84 19.78 6.92
N ASP A 99 0.87 19.09 7.45
CA ASP A 99 -0.36 19.76 7.89
C ASP A 99 -0.24 20.51 9.26
N SER A 100 0.90 20.27 9.95
CA SER A 100 1.40 21.07 11.11
C SER A 100 2.69 21.84 10.84
N GLY A 101 2.93 22.21 9.60
CA GLY A 101 4.19 22.74 9.29
C GLY A 101 5.06 21.66 8.74
N PRO A 102 6.19 22.08 8.15
CA PRO A 102 7.16 21.25 7.43
C PRO A 102 7.72 20.13 8.34
N ARG A 103 7.63 18.87 7.85
CA ARG A 103 8.30 17.76 8.50
C ARG A 103 9.16 17.08 7.44
N ARG A 104 10.05 16.22 7.93
CA ARG A 104 10.83 15.41 7.02
C ARG A 104 10.33 13.98 7.12
N TYR A 105 10.13 13.31 5.97
CA TYR A 105 9.51 11.98 6.00
C TYR A 105 10.43 11.01 5.35
N THR A 106 10.63 9.86 6.00
CA THR A 106 11.30 8.76 5.39
C THR A 106 10.28 7.65 5.29
N ILE A 107 10.10 7.16 4.09
CA ILE A 107 9.19 6.02 3.86
C ILE A 107 10.13 4.82 3.69
N ALA A 108 10.10 3.86 4.62
CA ALA A 108 10.99 2.68 4.59
C ALA A 108 10.10 1.51 4.17
N ALA A 109 10.62 0.64 3.31
CA ALA A 109 9.82 -0.52 2.85
C ALA A 109 10.68 -1.79 2.82
N LEU A 110 10.06 -2.94 3.07
CA LEU A 110 10.84 -4.19 3.03
C LEU A 110 10.01 -5.07 2.08
N LEU A 111 10.63 -5.69 1.08
CA LEU A 111 9.86 -6.33 0.00
C LEU A 111 10.17 -7.82 -0.03
N SER A 112 9.13 -8.61 -0.25
CA SER A 112 9.19 -10.10 -0.54
C SER A 112 8.28 -10.29 -1.76
N PRO A 113 8.44 -11.39 -2.48
CA PRO A 113 7.62 -11.54 -3.70
C PRO A 113 6.10 -11.43 -3.48
N TYR A 114 5.60 -11.94 -2.36
CA TYR A 114 4.20 -11.91 -2.04
C TYR A 114 3.85 -11.06 -0.85
N SER A 115 4.68 -10.10 -0.46
CA SER A 115 4.42 -9.33 0.76
C SER A 115 5.24 -8.09 0.73
N TYR A 116 4.77 -7.03 1.35
CA TYR A 116 5.65 -5.94 1.72
C TYR A 116 5.22 -5.31 3.02
N SER A 117 6.18 -4.60 3.63
CA SER A 117 5.83 -3.85 4.84
C SER A 117 6.35 -2.45 4.58
N THR A 118 5.66 -1.42 5.11
CA THR A 118 6.20 -0.08 4.98
C THR A 118 6.01 0.60 6.34
N THR A 119 6.93 1.50 6.66
CA THR A 119 6.74 2.36 7.83
C THR A 119 7.18 3.79 7.49
N ALA A 120 6.78 4.74 8.32
CA ALA A 120 7.22 6.08 8.11
C ALA A 120 7.92 6.58 9.32
N VAL A 121 8.99 7.34 9.04
CA VAL A 121 9.73 8.09 10.10
C VAL A 121 9.52 9.53 9.81
N VAL A 122 8.92 10.23 10.77
CA VAL A 122 8.55 11.61 10.56
C VAL A 122 9.30 12.44 11.62
N THR A 123 10.11 13.38 11.14
CA THR A 123 10.95 14.19 12.06
C THR A 123 10.65 15.67 11.88
N ASN A 124 10.95 16.45 12.92
CA ASN A 124 10.68 17.89 12.91
C ASN A 124 12.01 18.58 12.97
N PRO A 125 12.44 19.20 11.86
CA PRO A 125 13.85 19.66 11.83
C PRO A 125 14.20 20.69 12.91
N CYS B 10 -16.05 -18.27 -2.50
CA CYS B 10 -15.25 -17.22 -1.83
C CYS B 10 -13.83 -17.22 -2.41
N PRO B 11 -13.69 -16.73 -3.65
CA PRO B 11 -12.36 -16.53 -4.20
C PRO B 11 -11.49 -15.42 -3.56
N LEU B 12 -12.07 -14.53 -2.73
CA LEU B 12 -11.33 -13.37 -2.25
C LEU B 12 -11.72 -13.07 -0.83
N MET B 13 -10.75 -13.12 0.11
CA MET B 13 -11.05 -12.87 1.51
C MET B 13 -10.03 -11.87 1.99
N VAL B 14 -10.41 -11.07 2.99
CA VAL B 14 -9.48 -10.08 3.53
C VAL B 14 -9.43 -10.28 5.03
N LYS B 15 -8.23 -10.30 5.62
CA LYS B 15 -8.15 -10.51 7.07
C LYS B 15 -7.23 -9.50 7.62
N VAL B 16 -7.64 -8.82 8.68
CA VAL B 16 -6.89 -7.64 9.18
C VAL B 16 -6.64 -7.74 10.65
N LEU B 17 -5.38 -7.52 11.05
CA LEU B 17 -4.99 -7.58 12.47
C LEU B 17 -4.44 -6.26 13.00
N ASP B 18 -4.49 -6.09 14.31
CA ASP B 18 -4.09 -4.81 14.92
C ASP B 18 -2.87 -5.07 15.81
N ALA B 19 -1.77 -4.42 15.45
CA ALA B 19 -0.47 -4.66 16.07
C ALA B 19 -0.28 -3.86 17.40
N VAL B 20 -1.18 -2.92 17.66
CA VAL B 20 -1.15 -2.08 18.87
C VAL B 20 -1.92 -2.74 20.00
N ARG B 21 -3.11 -3.25 19.71
CA ARG B 21 -4.01 -3.88 20.67
C ARG B 21 -3.79 -5.40 20.77
N GLY B 22 -3.13 -6.01 19.77
CA GLY B 22 -2.95 -7.49 19.71
C GLY B 22 -4.30 -8.15 19.53
N SER B 23 -5.02 -7.75 18.51
CA SER B 23 -6.37 -8.23 18.32
C SER B 23 -6.70 -8.19 16.84
N PRO B 24 -7.80 -8.88 16.44
CA PRO B 24 -8.25 -8.61 15.10
C PRO B 24 -8.61 -7.14 15.00
N ALA B 25 -8.55 -6.62 13.77
CA ALA B 25 -9.03 -5.25 13.51
C ALA B 25 -10.47 -5.27 13.09
N ILE B 26 -11.33 -4.91 14.03
CA ILE B 26 -12.79 -5.14 13.91
C ILE B 26 -13.50 -3.92 13.36
N ASN B 27 -14.46 -4.14 12.45
CA ASN B 27 -15.28 -3.08 11.88
C ASN B 27 -14.48 -2.11 11.04
N VAL B 28 -13.49 -2.65 10.33
CA VAL B 28 -12.72 -1.87 9.41
C VAL B 28 -13.40 -1.90 8.03
N ALA B 29 -13.70 -0.75 7.48
CA ALA B 29 -14.25 -0.72 6.05
C ALA B 29 -13.18 -1.10 5.04
N VAL B 30 -13.57 -1.89 4.05
CA VAL B 30 -12.66 -2.39 2.98
C VAL B 30 -13.38 -2.24 1.67
N HIS B 31 -12.79 -1.51 0.72
CA HIS B 31 -13.42 -1.38 -0.60
C HIS B 31 -12.52 -2.01 -1.61
N VAL B 32 -13.08 -2.83 -2.46
CA VAL B 32 -12.29 -3.45 -3.56
C VAL B 32 -12.71 -2.80 -4.88
N PHE B 33 -11.77 -2.56 -5.79
CA PHE B 33 -12.05 -1.95 -7.07
C PHE B 33 -11.42 -2.84 -8.09
N ARG B 34 -12.01 -2.85 -9.29
CA ARG B 34 -11.33 -3.42 -10.47
C ARG B 34 -10.88 -2.40 -11.53
N LYS B 35 -9.74 -2.64 -12.17
CA LYS B 35 -9.24 -1.58 -13.08
C LYS B 35 -9.98 -1.73 -14.39
N ALA B 36 -10.69 -0.69 -14.78
CA ALA B 36 -11.44 -0.66 -16.04
C ALA B 36 -10.53 -0.42 -17.27
N ALA B 37 -11.10 -0.60 -18.46
CA ALA B 37 -10.33 -0.43 -19.71
C ALA B 37 -9.67 0.97 -19.86
N ASP B 38 -10.31 2.02 -19.32
CA ASP B 38 -9.76 3.42 -19.34
C ASP B 38 -8.83 3.78 -18.16
N ASP B 39 -8.35 2.74 -17.47
CA ASP B 39 -7.46 2.87 -16.33
C ASP B 39 -8.04 3.54 -15.09
N THR B 40 -9.37 3.62 -15.01
CA THR B 40 -9.97 4.09 -13.76
C THR B 40 -10.34 2.89 -12.90
N TRP B 41 -10.58 3.15 -11.63
CA TRP B 41 -10.88 2.10 -10.66
C TRP B 41 -12.36 1.97 -10.44
N GLU B 42 -12.94 0.87 -10.89
CA GLU B 42 -14.37 0.81 -10.63
C GLU B 42 -14.74 -0.06 -9.42
N PRO B 43 -15.68 0.45 -8.60
CA PRO B 43 -16.13 -0.33 -7.46
C PRO B 43 -16.48 -1.75 -7.84
N PHE B 44 -16.08 -2.69 -6.99
CA PHE B 44 -16.25 -4.09 -7.24
C PHE B 44 -16.93 -4.80 -6.08
N ALA B 45 -16.48 -4.55 -4.85
CA ALA B 45 -17.11 -5.17 -3.67
C ALA B 45 -16.67 -4.37 -2.47
N SER B 46 -17.43 -4.50 -1.38
CA SER B 46 -17.01 -3.86 -0.14
C SER B 46 -17.66 -4.44 1.10
N GLY B 47 -17.16 -4.13 2.30
CA GLY B 47 -17.85 -4.70 3.52
C GLY B 47 -16.99 -4.16 4.67
N LYS B 48 -17.29 -4.66 5.86
CA LYS B 48 -16.53 -4.28 7.07
C LYS B 48 -16.06 -5.57 7.66
N THR B 49 -14.82 -5.57 8.20
CA THR B 49 -14.36 -6.78 8.85
C THR B 49 -15.22 -7.20 10.10
N SER B 50 -15.26 -8.49 10.33
CA SER B 50 -16.04 -9.12 11.42
C SER B 50 -15.35 -8.98 12.76
N GLU B 51 -15.94 -9.56 13.79
CA GLU B 51 -15.24 -9.65 15.10
C GLU B 51 -13.89 -10.42 15.10
N SER B 52 -13.70 -11.26 14.08
CA SER B 52 -12.55 -12.05 13.92
C SER B 52 -11.56 -11.30 12.99
N GLY B 53 -11.91 -10.08 12.57
CA GLY B 53 -11.02 -9.29 11.66
C GLY B 53 -11.09 -9.76 10.21
N GLU B 54 -12.10 -10.58 9.86
CA GLU B 54 -12.15 -11.20 8.49
C GLU B 54 -13.31 -10.60 7.71
N LEU B 55 -13.19 -10.58 6.39
CA LEU B 55 -14.32 -10.14 5.53
C LEU B 55 -14.44 -11.20 4.47
N HIS B 56 -15.53 -11.96 4.59
CA HIS B 56 -15.91 -13.07 3.73
C HIS B 56 -17.03 -12.57 2.82
N GLY B 57 -17.26 -13.28 1.72
CA GLY B 57 -18.47 -13.04 0.88
C GLY B 57 -18.40 -11.85 -0.03
N LEU B 58 -17.20 -11.30 -0.24
CA LEU B 58 -17.01 -10.12 -1.12
C LEU B 58 -17.45 -10.43 -2.55
N THR B 59 -17.11 -11.62 -3.03
CA THR B 59 -17.40 -11.89 -4.43
C THR B 59 -17.69 -13.38 -4.70
N THR B 60 -18.07 -13.69 -5.93
CA THR B 60 -18.30 -15.09 -6.30
C THR B 60 -17.27 -15.50 -7.35
N GLU B 61 -17.12 -16.79 -7.55
CA GLU B 61 -16.23 -17.24 -8.63
C GLU B 61 -16.62 -16.60 -9.99
N GLU B 62 -17.92 -16.57 -10.33
CA GLU B 62 -18.33 -16.09 -11.67
C GLU B 62 -17.99 -14.59 -11.86
N GLU B 63 -18.05 -13.80 -10.79
CA GLU B 63 -17.79 -12.38 -10.86
C GLU B 63 -16.28 -11.97 -10.84
N PHE B 64 -15.46 -12.78 -10.20
CA PHE B 64 -14.05 -12.50 -10.00
C PHE B 64 -13.14 -12.92 -11.17
N VAL B 65 -13.17 -12.15 -12.24
CA VAL B 65 -12.35 -12.53 -13.42
C VAL B 65 -10.93 -12.04 -13.30
N GLU B 66 -10.07 -12.56 -14.18
CA GLU B 66 -8.69 -12.00 -14.28
C GLU B 66 -8.69 -10.48 -14.42
N GLY B 67 -7.68 -9.82 -13.88
CA GLY B 67 -7.74 -8.30 -13.90
C GLY B 67 -6.84 -7.72 -12.81
N ILE B 68 -6.67 -6.40 -12.82
CA ILE B 68 -5.94 -5.77 -11.71
C ILE B 68 -6.97 -5.27 -10.70
N TYR B 69 -6.75 -5.60 -9.42
CA TYR B 69 -7.69 -5.19 -8.38
C TYR B 69 -6.98 -4.33 -7.34
N LYS B 70 -7.74 -3.42 -6.70
CA LYS B 70 -7.21 -2.63 -5.57
C LYS B 70 -8.10 -2.91 -4.35
N VAL B 71 -7.48 -3.29 -3.23
CA VAL B 71 -8.22 -3.49 -1.99
C VAL B 71 -7.82 -2.29 -1.13
N GLU B 72 -8.76 -1.42 -0.79
CA GLU B 72 -8.42 -0.24 0.02
C GLU B 72 -8.95 -0.51 1.42
N ILE B 73 -8.10 -0.40 2.44
CA ILE B 73 -8.52 -0.70 3.78
C ILE B 73 -8.55 0.67 4.48
N ASP B 74 -9.68 1.04 5.07
CA ASP B 74 -9.83 2.41 5.65
C ASP B 74 -9.27 2.48 7.06
N THR B 75 -7.96 2.50 7.06
CA THR B 75 -7.24 2.45 8.33
C THR B 75 -7.39 3.73 9.14
N LYS B 76 -7.41 4.86 8.42
CA LYS B 76 -7.52 6.13 9.13
C LYS B 76 -8.78 6.17 10.03
N SER B 77 -9.94 5.81 9.50
CA SER B 77 -11.16 5.79 10.39
C SER B 77 -11.12 4.77 11.52
N TYR B 78 -10.40 3.66 11.25
CA TYR B 78 -10.25 2.59 12.23
C TYR B 78 -9.47 3.15 13.41
N TRP B 79 -8.33 3.83 13.17
CA TRP B 79 -7.45 4.31 14.26
C TRP B 79 -8.18 5.47 14.95
N LYS B 80 -8.78 6.37 14.18
CA LYS B 80 -9.53 7.48 14.85
C LYS B 80 -10.66 6.98 15.75
N ALA B 81 -11.34 5.89 15.38
CA ALA B 81 -12.42 5.41 16.26
C ALA B 81 -11.88 4.83 17.57
N LEU B 82 -10.59 4.46 17.57
CA LEU B 82 -9.90 4.00 18.75
C LEU B 82 -9.17 5.12 19.52
N GLY B 83 -9.28 6.34 19.04
CA GLY B 83 -8.63 7.52 19.67
C GLY B 83 -7.13 7.60 19.42
N ILE B 84 -6.71 6.93 18.35
CA ILE B 84 -5.25 6.90 18.03
C ILE B 84 -4.96 7.66 16.78
N SER B 85 -3.87 8.45 16.77
CA SER B 85 -3.57 9.31 15.68
C SER B 85 -2.79 8.51 14.60
N PRO B 86 -3.32 8.46 13.39
CA PRO B 86 -2.69 7.63 12.36
C PRO B 86 -1.93 8.43 11.28
N PHE B 87 -1.08 7.73 10.56
CA PHE B 87 -0.27 8.38 9.55
C PHE B 87 -0.93 8.29 8.19
N HIS B 88 -1.50 7.13 7.85
CA HIS B 88 -1.90 6.89 6.47
C HIS B 88 -3.36 7.30 6.26
N GLU B 89 -3.67 7.68 5.00
CA GLU B 89 -5.08 7.94 4.63
C GLU B 89 -5.81 6.65 4.58
N HIS B 90 -5.17 5.60 4.08
CA HIS B 90 -5.81 4.25 3.96
C HIS B 90 -4.66 3.35 3.62
N ALA B 91 -4.89 2.04 3.62
CA ALA B 91 -3.90 1.09 3.11
C ALA B 91 -4.45 0.57 1.79
N GLU B 92 -3.55 0.30 0.85
CA GLU B 92 -4.02 -0.15 -0.48
C GLU B 92 -3.22 -1.34 -0.88
N VAL B 93 -3.94 -2.35 -1.39
CA VAL B 93 -3.24 -3.55 -1.88
C VAL B 93 -3.64 -3.72 -3.34
N VAL B 94 -2.67 -3.66 -4.22
CA VAL B 94 -2.98 -3.68 -5.68
C VAL B 94 -2.28 -4.86 -6.31
N PHE B 95 -3.06 -5.71 -6.99
CA PHE B 95 -2.48 -6.98 -7.51
C PHE B 95 -3.22 -7.43 -8.72
N THR B 96 -2.55 -8.27 -9.50
CA THR B 96 -3.23 -8.95 -10.60
C THR B 96 -3.85 -10.33 -10.17
N ALA B 97 -5.11 -10.60 -10.52
CA ALA B 97 -5.65 -11.94 -10.28
C ALA B 97 -5.38 -12.67 -11.59
N ASN B 98 -4.70 -13.83 -11.45
CA ASN B 98 -4.25 -14.60 -12.62
C ASN B 98 -4.70 -16.06 -12.45
N ASP B 99 -5.46 -16.57 -13.42
CA ASP B 99 -6.08 -17.87 -13.28
C ASP B 99 -5.08 -19.04 -13.34
N SER B 100 -3.88 -18.79 -13.89
CA SER B 100 -2.79 -19.80 -13.83
C SER B 100 -2.36 -20.18 -12.39
N GLY B 101 -2.47 -19.23 -11.46
CA GLY B 101 -2.14 -19.49 -10.02
C GLY B 101 -3.21 -20.33 -9.30
N PRO B 102 -3.02 -20.61 -7.99
CA PRO B 102 -4.16 -21.17 -7.27
C PRO B 102 -5.36 -20.20 -7.26
N ARG B 103 -6.45 -20.69 -6.69
CA ARG B 103 -7.72 -20.12 -7.03
C ARG B 103 -8.33 -19.28 -5.95
N ARG B 104 -7.78 -19.36 -4.72
CA ARG B 104 -8.44 -18.66 -3.61
C ARG B 104 -7.39 -17.60 -3.15
N TYR B 105 -7.83 -16.36 -3.02
CA TYR B 105 -6.91 -15.28 -2.63
C TYR B 105 -7.27 -14.76 -1.26
N THR B 106 -6.31 -14.79 -0.33
CA THR B 106 -6.52 -14.10 0.98
C THR B 106 -5.54 -12.96 1.00
N ILE B 107 -6.05 -11.75 1.22
CA ILE B 107 -5.19 -10.59 1.44
C ILE B 107 -5.19 -10.37 2.96
N ALA B 108 -4.02 -10.41 3.56
CA ALA B 108 -3.91 -10.23 5.00
C ALA B 108 -3.11 -9.01 5.28
N ALA B 109 -3.44 -8.27 6.34
CA ALA B 109 -2.79 -6.98 6.64
C ALA B 109 -2.60 -6.86 8.12
N LEU B 110 -1.49 -6.25 8.54
CA LEU B 110 -1.23 -6.05 9.96
C LEU B 110 -1.04 -4.58 10.13
N LEU B 111 -1.90 -3.99 10.96
CA LEU B 111 -1.87 -2.52 11.03
C LEU B 111 -1.21 -1.97 12.32
N SER B 112 -0.42 -0.91 12.09
CA SER B 112 0.10 0.00 13.15
C SER B 112 -0.16 1.43 12.74
N PRO B 113 -0.01 2.36 13.73
CA PRO B 113 -0.36 3.71 13.34
C PRO B 113 0.47 4.33 12.23
N TYR B 114 1.79 4.01 12.13
CA TYR B 114 2.69 4.60 11.13
C TYR B 114 3.16 3.54 10.19
N SER B 115 2.57 2.34 10.27
CA SER B 115 3.14 1.23 9.46
C SER B 115 2.02 0.28 9.07
N TYR B 116 2.22 -0.47 7.96
CA TYR B 116 1.41 -1.71 7.81
C TYR B 116 2.12 -2.78 7.02
N SER B 117 1.76 -4.03 7.15
CA SER B 117 2.44 -5.04 6.38
C SER B 117 1.25 -5.72 5.70
N THR B 118 1.48 -6.29 4.54
CA THR B 118 0.42 -7.10 3.91
C THR B 118 1.07 -8.23 3.19
N THR B 119 0.37 -9.36 3.10
CA THR B 119 0.86 -10.51 2.40
C THR B 119 -0.34 -11.18 1.71
N ALA B 120 -0.05 -12.03 0.73
CA ALA B 120 -1.11 -12.72 0.02
C ALA B 120 -0.95 -14.17 0.33
N VAL B 121 -2.08 -14.87 0.50
CA VAL B 121 -2.03 -16.35 0.69
C VAL B 121 -2.87 -16.81 -0.45
N VAL B 122 -2.26 -17.49 -1.43
CA VAL B 122 -3.04 -17.86 -2.65
C VAL B 122 -3.02 -19.39 -2.69
N THR B 123 -4.17 -20.04 -2.48
CA THR B 123 -4.23 -21.51 -2.31
C THR B 123 -5.33 -22.16 -3.18
N ASN B 124 -5.28 -23.49 -3.30
CA ASN B 124 -6.38 -24.31 -3.93
C ASN B 124 -7.36 -25.07 -3.01
CAL H50 C . 18.49 0.85 7.63
CAM H50 C . 18.04 0.97 6.17
CAU H50 C . 17.15 1.53 7.29
CAN H50 C . 17.06 3.05 7.59
OAB H50 C . 18.13 3.66 7.57
OAA H50 C . 15.94 3.52 7.93
CAS H50 C . 15.93 0.73 7.53
CAJ H50 C . 15.64 0.43 8.85
CAO H50 C . 14.54 -0.34 9.04
FAC H50 C . 14.12 -0.69 10.26
CAH H50 C . 15.21 0.31 6.40
CAI H50 C . 14.09 -0.44 6.59
CAT H50 C . 13.88 -0.73 7.89
CAR H50 C . 12.67 -1.57 8.19
CAK H50 C . 11.46 -1.28 7.55
CAQ H50 C . 10.37 -2.11 7.67
CL1 H50 C . 8.92 -1.61 6.89
CAP H50 C . 10.40 -3.28 8.43
CL2 H50 C . 9.01 -4.30 8.54
CAF H50 C . 11.59 -3.58 9.07
CAG H50 C . 12.70 -2.77 8.93
CAL H50 D . -4.44 -15.65 11.35
CAM H50 D . -5.72 -14.83 11.16
CAU H50 D . -4.74 -14.96 10.01
CAN H50 D . -5.02 -15.99 8.90
OAB H50 D . -4.33 -15.93 7.83
OAA H50 D . -5.99 -16.76 9.09
CAS H50 D . -3.64 -13.90 9.79
CAJ H50 D . -2.36 -14.41 9.85
CAO H50 D . -1.23 -13.64 9.69
FAC H50 D . 0.02 -14.19 9.75
CAH H50 D . -3.81 -12.54 9.54
CAI H50 D . -2.67 -11.75 9.36
CAT H50 D . -1.38 -12.28 9.45
CAR H50 D . -0.21 -11.54 9.31
CAK H50 D . -0.07 -10.66 8.28
CAQ H50 D . 1.08 -9.94 8.19
CL1 H50 D . 1.12 -8.99 6.83
CAP H50 D . 2.18 -10.01 9.06
CL2 H50 D . 3.57 -9.02 8.81
CAF H50 D . 2.04 -10.91 10.13
CAG H50 D . 0.86 -11.64 10.23
#